data_3HUO
#
_entry.id   3HUO
#
_cell.length_a   45.205
_cell.length_b   106.784
_cell.length_c   47.645
_cell.angle_alpha   90.000
_cell.angle_beta   101.690
_cell.angle_gamma   90.000
#
_symmetry.space_group_name_H-M   'P 1 21 1'
#
loop_
_entity.id
_entity.type
_entity.pdbx_description
1 polymer 'CTX-M-9 extended-spectrum beta-lactamase'
2 non-polymer 'PENICILLIN G'
3 non-polymer '(2R,4S)-2-{(R)-carboxy[(phenylacetyl)amino]methyl}-5,5-dimethyl-1,3-thiazolidine-4-carboxylic acid'
4 water water
#
_entity_poly.entity_id   1
_entity_poly.type   'polypeptide(L)'
_entity_poly.pdbx_seq_one_letter_code
;QTSAVQQKLAALEKSSGGRLGVALIDTADNTQVLYRGDERFPMCGTSKVMAAAAVLKQSETQKQLLNQPVEIKPADLVNY
NPIAEKHVNGTMTLAELSAAALQYSDNTAMNKLIAQLGGPGGVTAFARAIGDETFRLDRTEPTLNTAIPGDPRDTTTPRA
MAQTLRQLTLGHALGETQRAQLVTWLKGNTTGAASIRAGLPTSWTAGDKTGSGDYGTTNDIAVIWPQGRAPLVLVTYFTQ
PQQNAESRRDVLASAARIIAEGL
;
_entity_poly.pdbx_strand_id   A,B
#
# COMPACT_ATOMS: atom_id res chain seq x y z
N THR A 2 -1.85 -3.48 2.55
CA THR A 2 -2.84 -2.75 1.71
C THR A 2 -2.73 -1.24 1.90
N SER A 3 -2.39 -0.53 0.83
CA SER A 3 -2.23 0.92 0.85
C SER A 3 -3.55 1.63 0.51
N ALA A 4 -3.55 2.95 0.63
CA ALA A 4 -4.75 3.73 0.30
C ALA A 4 -5.05 3.61 -1.18
N VAL A 5 -4.02 3.61 -2.00
CA VAL A 5 -4.19 3.50 -3.44
C VAL A 5 -4.71 2.11 -3.80
N GLN A 6 -4.18 1.09 -3.15
CA GLN A 6 -4.62 -0.25 -3.42
C GLN A 6 -6.11 -0.40 -3.02
N GLN A 7 -6.52 0.28 -1.96
CA GLN A 7 -7.92 0.24 -1.52
C GLN A 7 -8.85 0.90 -2.54
N LYS A 8 -8.41 2.02 -3.13
CA LYS A 8 -9.21 2.68 -4.16
C LYS A 8 -9.30 1.82 -5.43
N LEU A 9 -8.20 1.16 -5.79
CA LEU A 9 -8.21 0.26 -6.94
C LEU A 9 -9.16 -0.92 -6.68
N ALA A 10 -9.22 -1.38 -5.44
CA ALA A 10 -10.13 -2.48 -5.10
C ALA A 10 -11.59 -2.03 -5.23
N ALA A 11 -11.86 -0.79 -4.83
CA ALA A 11 -13.20 -0.25 -4.93
C ALA A 11 -13.60 -0.09 -6.39
N LEU A 12 -12.65 0.37 -7.20
CA LEU A 12 -12.91 0.52 -8.63
C LEU A 12 -13.23 -0.86 -9.24
N GLU A 13 -12.40 -1.84 -8.91
CA GLU A 13 -12.60 -3.18 -9.41
C GLU A 13 -13.96 -3.74 -9.01
N LYS A 14 -14.31 -3.59 -7.74
CA LYS A 14 -15.58 -4.10 -7.23
C LYS A 14 -16.78 -3.54 -8.02
N SER A 15 -16.72 -2.25 -8.37
CA SER A 15 -17.82 -1.63 -9.12
C SER A 15 -17.79 -1.93 -10.62
N SER A 16 -16.68 -2.48 -11.11
CA SER A 16 -16.49 -2.73 -12.54
C SER A 16 -17.06 -4.06 -13.01
N GLY A 17 -17.16 -4.99 -12.08
N GLY A 17 -17.17 -5.01 -12.11
CA GLY A 17 -17.66 -6.33 -12.35
CA GLY A 17 -17.65 -6.33 -12.49
C GLY A 17 -16.58 -7.29 -12.86
C GLY A 17 -16.63 -7.03 -13.38
N GLY A 18 -15.43 -6.75 -13.27
N GLY A 18 -15.35 -6.73 -13.13
CA GLY A 18 -14.35 -7.60 -13.80
CA GLY A 18 -14.26 -7.35 -13.87
C GLY A 18 -13.14 -7.80 -12.89
C GLY A 18 -13.07 -7.51 -12.95
N ARG A 19 -11.98 -8.08 -13.50
CA ARG A 19 -10.74 -8.30 -12.75
C ARG A 19 -9.69 -7.34 -13.27
N LEU A 20 -9.14 -6.54 -12.35
CA LEU A 20 -8.20 -5.48 -12.67
C LEU A 20 -6.79 -5.79 -12.18
N GLY A 21 -5.79 -5.50 -13.02
CA GLY A 21 -4.39 -5.73 -12.66
C GLY A 21 -3.62 -4.45 -12.92
N VAL A 22 -2.88 -3.98 -11.94
CA VAL A 22 -2.12 -2.75 -12.10
C VAL A 22 -0.70 -2.90 -11.58
N ALA A 23 0.25 -2.30 -12.29
CA ALA A 23 1.63 -2.21 -11.81
C ALA A 23 2.19 -0.88 -12.19
N LEU A 24 2.63 -0.13 -11.20
CA LEU A 24 3.27 1.16 -11.38
C LEU A 24 4.69 1.07 -10.89
N ILE A 25 5.62 1.64 -11.64
CA ILE A 25 7.00 1.83 -11.18
C ILE A 25 7.23 3.34 -11.28
N ASP A 26 7.59 3.94 -10.17
CA ASP A 26 7.91 5.38 -10.15
C ASP A 26 9.43 5.49 -10.19
N THR A 27 9.98 5.93 -11.32
CA THR A 27 11.44 5.98 -11.45
C THR A 27 12.11 7.09 -10.62
N ALA A 28 11.32 7.89 -9.92
CA ALA A 28 11.89 8.94 -9.02
C ALA A 28 12.61 8.25 -7.86
N ASP A 29 12.10 7.06 -7.46
CA ASP A 29 12.66 6.34 -6.30
C ASP A 29 12.63 4.81 -6.47
N ASN A 30 12.19 4.34 -7.65
CA ASN A 30 12.11 2.91 -7.93
C ASN A 30 11.00 2.18 -7.16
N THR A 31 10.11 2.92 -6.53
CA THR A 31 9.03 2.30 -5.77
C THR A 31 7.93 1.79 -6.68
N GLN A 32 7.16 0.85 -6.16
CA GLN A 32 6.14 0.24 -6.95
C GLN A 32 4.83 0.18 -6.27
N VAL A 33 3.77 0.18 -7.05
CA VAL A 33 2.43 -0.01 -6.53
C VAL A 33 1.83 -1.14 -7.38
N LEU A 34 1.37 -2.19 -6.74
CA LEU A 34 0.80 -3.35 -7.44
CA LEU A 34 0.80 -3.31 -7.46
C LEU A 34 -0.59 -3.66 -6.97
N TYR A 35 -1.42 -4.11 -7.90
CA TYR A 35 -2.79 -4.57 -7.58
C TYR A 35 -2.97 -5.80 -8.45
N ARG A 36 -3.08 -6.97 -7.82
CA ARG A 36 -3.06 -8.26 -8.56
C ARG A 36 -1.84 -8.30 -9.46
N GLY A 37 -0.73 -7.78 -8.93
CA GLY A 37 0.52 -7.66 -9.71
C GLY A 37 1.15 -8.96 -10.17
N ASP A 38 0.85 -10.04 -9.48
CA ASP A 38 1.42 -11.34 -9.83
C ASP A 38 0.39 -12.31 -10.40
N GLU A 39 -0.79 -11.80 -10.77
CA GLU A 39 -1.80 -12.63 -11.44
C GLU A 39 -1.61 -12.47 -12.95
N ARG A 40 -1.88 -13.55 -13.68
CA ARG A 40 -1.77 -13.53 -15.14
C ARG A 40 -3.00 -12.93 -15.80
N PHE A 41 -2.75 -12.18 -16.88
CA PHE A 41 -3.79 -11.56 -17.67
C PHE A 41 -3.43 -11.75 -19.14
N PRO A 42 -4.45 -11.88 -20.01
CA PRO A 42 -4.19 -11.98 -21.45
C PRO A 42 -3.67 -10.63 -21.95
N MET A 43 -2.54 -10.63 -22.65
CA MET A 43 -1.93 -9.38 -23.09
C MET A 43 -2.65 -8.71 -24.24
N CYS A 44 -3.20 -9.52 -25.14
CA CYS A 44 -3.77 -9.00 -26.37
C CYS A 44 -2.73 -8.10 -27.04
N GLY A 45 -3.16 -6.97 -27.63
CA GLY A 45 -2.27 -6.09 -28.37
C GLY A 45 -1.07 -5.52 -27.66
N THR A 46 -1.07 -5.57 -26.32
CA THR A 46 0.10 -5.04 -25.62
C THR A 46 1.36 -5.89 -25.88
N SER A 47 1.14 -7.12 -26.36
CA SER A 47 2.26 -8.00 -26.70
C SER A 47 3.05 -7.44 -27.92
N LYS A 48 2.42 -6.54 -28.67
CA LYS A 48 3.07 -5.97 -29.86
C LYS A 48 4.33 -5.19 -29.49
N VAL A 49 4.38 -4.68 -28.25
CA VAL A 49 5.59 -4.00 -27.80
C VAL A 49 6.78 -4.96 -27.73
N MET A 50 6.55 -6.17 -27.20
CA MET A 50 7.64 -7.13 -27.12
C MET A 50 8.12 -7.56 -28.50
N ALA A 51 7.19 -7.76 -29.44
CA ALA A 51 7.57 -8.17 -30.80
C ALA A 51 8.36 -7.08 -31.49
N ALA A 52 7.89 -5.83 -31.42
CA ALA A 52 8.62 -4.73 -32.05
C ALA A 52 10.00 -4.55 -31.41
N ALA A 53 10.06 -4.66 -30.08
CA ALA A 53 11.33 -4.51 -29.39
C ALA A 53 12.33 -5.61 -29.80
N ALA A 54 11.82 -6.82 -30.02
CA ALA A 54 12.69 -7.94 -30.39
C ALA A 54 13.30 -7.70 -31.78
N VAL A 55 12.50 -7.16 -32.69
CA VAL A 55 12.99 -6.84 -34.02
C VAL A 55 14.02 -5.70 -33.92
N LEU A 56 13.73 -4.72 -33.07
CA LEU A 56 14.68 -3.64 -32.86
C LEU A 56 16.03 -4.23 -32.35
N LYS A 57 15.95 -5.21 -31.45
CA LYS A 57 17.18 -5.84 -30.92
C LYS A 57 17.95 -6.51 -32.08
N GLN A 58 17.23 -7.21 -32.96
CA GLN A 58 17.88 -7.84 -34.10
C GLN A 58 18.56 -6.81 -34.97
N SER A 59 17.92 -5.63 -35.09
CA SER A 59 18.43 -4.56 -35.97
C SER A 59 19.74 -3.98 -35.48
N GLU A 60 20.09 -4.25 -34.23
CA GLU A 60 21.36 -3.73 -33.68
C GLU A 60 22.54 -4.34 -34.38
N THR A 61 22.38 -5.56 -34.87
CA THR A 61 23.48 -6.24 -35.57
C THR A 61 23.22 -6.36 -37.09
N GLN A 62 22.11 -5.77 -37.55
CA GLN A 62 21.76 -5.73 -38.99
C GLN A 62 21.22 -4.35 -39.31
N LYS A 63 22.10 -3.44 -39.70
CA LYS A 63 21.77 -2.03 -39.96
C LYS A 63 20.70 -1.81 -41.02
N GLN A 64 20.50 -2.79 -41.88
CA GLN A 64 19.50 -2.68 -42.95
C GLN A 64 18.23 -3.49 -42.69
N LEU A 65 18.16 -4.18 -41.56
CA LEU A 65 17.01 -5.02 -41.25
C LEU A 65 15.67 -4.27 -41.34
N LEU A 66 15.62 -3.09 -40.74
CA LEU A 66 14.38 -2.32 -40.73
C LEU A 66 13.94 -1.86 -42.11
N ASN A 67 14.84 -1.93 -43.07
CA ASN A 67 14.50 -1.56 -44.44
C ASN A 67 14.13 -2.77 -45.32
N GLN A 68 14.17 -3.99 -44.75
CA GLN A 68 13.83 -5.21 -45.51
C GLN A 68 12.39 -5.20 -45.91
N PRO A 69 12.13 -5.41 -47.21
CA PRO A 69 10.76 -5.42 -47.70
C PRO A 69 10.09 -6.78 -47.50
N VAL A 70 8.99 -6.79 -46.76
CA VAL A 70 8.22 -7.99 -46.51
C VAL A 70 6.99 -8.03 -47.41
N GLU A 71 6.77 -9.16 -48.07
CA GLU A 71 5.63 -9.33 -48.97
CA GLU A 71 5.62 -9.30 -48.97
C GLU A 71 4.32 -9.40 -48.20
N ILE A 72 3.31 -8.65 -48.67
CA ILE A 72 1.98 -8.69 -48.05
C ILE A 72 1.06 -9.29 -49.08
N LYS A 73 0.60 -10.49 -48.83
CA LYS A 73 -0.29 -11.20 -49.75
CA LYS A 73 -0.29 -11.20 -49.75
C LYS A 73 -1.73 -11.08 -49.30
N PRO A 74 -2.67 -11.23 -50.25
CA PRO A 74 -4.07 -11.15 -49.87
C PRO A 74 -4.41 -12.07 -48.70
N ALA A 75 -3.86 -13.29 -48.71
CA ALA A 75 -4.16 -14.25 -47.65
C ALA A 75 -3.61 -13.83 -46.27
N ASP A 76 -2.63 -12.92 -46.27
CA ASP A 76 -2.04 -12.46 -44.99
C ASP A 76 -2.98 -11.60 -44.17
N LEU A 77 -3.97 -10.98 -44.81
CA LEU A 77 -4.87 -10.13 -44.07
C LEU A 77 -5.65 -10.94 -43.10
N VAL A 78 -5.83 -10.37 -41.91
CA VAL A 78 -6.59 -11.02 -40.87
C VAL A 78 -7.83 -10.15 -40.52
N ASN A 79 -8.11 -9.95 -39.23
CA ASN A 79 -9.33 -9.25 -38.81
C ASN A 79 -9.25 -7.74 -38.71
N TYR A 80 -8.03 -7.23 -38.59
CA TYR A 80 -7.84 -5.80 -38.41
C TYR A 80 -6.50 -5.41 -38.95
N ASN A 81 -6.53 -4.78 -40.13
CA ASN A 81 -5.29 -4.47 -40.88
C ASN A 81 -5.39 -3.12 -41.61
N PRO A 82 -5.60 -2.04 -40.86
CA PRO A 82 -5.80 -0.72 -41.45
C PRO A 82 -4.65 -0.26 -42.32
N ILE A 83 -3.43 -0.69 -42.01
CA ILE A 83 -2.27 -0.27 -42.78
C ILE A 83 -1.92 -1.32 -43.83
N ALA A 84 -1.83 -2.59 -43.42
CA ALA A 84 -1.43 -3.66 -44.34
C ALA A 84 -2.35 -3.77 -45.56
N GLU A 85 -3.64 -3.51 -45.38
CA GLU A 85 -4.59 -3.63 -46.50
C GLU A 85 -4.20 -2.73 -47.68
N LYS A 86 -3.51 -1.63 -47.41
CA LYS A 86 -3.12 -0.71 -48.47
CA LYS A 86 -3.11 -0.71 -48.47
C LYS A 86 -1.98 -1.26 -49.31
N HIS A 87 -1.26 -2.25 -48.76
CA HIS A 87 -0.09 -2.80 -49.41
C HIS A 87 -0.16 -4.23 -49.89
N VAL A 88 -1.39 -4.77 -49.96
CA VAL A 88 -1.58 -6.13 -50.45
C VAL A 88 -1.02 -6.23 -51.89
N ASN A 89 -0.32 -7.33 -52.17
CA ASN A 89 0.38 -7.55 -53.45
C ASN A 89 1.58 -6.63 -53.61
N GLY A 90 1.97 -6.00 -52.51
CA GLY A 90 3.13 -5.14 -52.48
C GLY A 90 3.99 -5.55 -51.29
N THR A 91 4.72 -4.59 -50.74
CA THR A 91 5.59 -4.88 -49.58
C THR A 91 5.56 -3.76 -48.57
N MET A 92 6.01 -4.09 -47.35
CA MET A 92 6.17 -3.12 -46.27
C MET A 92 7.50 -3.46 -45.63
N THR A 93 8.27 -2.46 -45.24
CA THR A 93 9.54 -2.75 -44.57
C THR A 93 9.27 -3.15 -43.12
N LEU A 94 10.26 -3.76 -42.46
CA LEU A 94 10.08 -4.13 -41.05
C LEU A 94 9.85 -2.87 -40.19
N ALA A 95 10.43 -1.72 -40.58
CA ALA A 95 10.15 -0.48 -39.85
C ALA A 95 8.67 -0.11 -40.03
N GLU A 96 8.18 -0.20 -41.27
CA GLU A 96 6.77 0.11 -41.53
C GLU A 96 5.84 -0.84 -40.76
N LEU A 97 6.23 -2.11 -40.69
CA LEU A 97 5.42 -3.10 -39.98
C LEU A 97 5.45 -2.85 -38.47
N SER A 98 6.60 -2.44 -37.94
CA SER A 98 6.71 -2.11 -36.51
C SER A 98 5.85 -0.91 -36.18
N ALA A 99 5.95 0.15 -36.99
CA ALA A 99 5.14 1.35 -36.75
C ALA A 99 3.63 1.02 -36.86
N ALA A 100 3.26 0.21 -37.84
CA ALA A 100 1.82 -0.12 -38.00
C ALA A 100 1.30 -0.95 -36.83
N ALA A 101 2.08 -1.94 -36.42
CA ALA A 101 1.70 -2.77 -35.28
C ALA A 101 1.55 -1.95 -34.00
N LEU A 102 2.51 -1.07 -33.75
CA LEU A 102 2.48 -0.30 -32.51
C LEU A 102 1.48 0.84 -32.52
N GLN A 103 1.51 1.65 -33.58
CA GLN A 103 0.70 2.88 -33.61
C GLN A 103 -0.73 2.72 -34.07
N TYR A 104 -1.01 1.63 -34.80
CA TYR A 104 -2.37 1.39 -35.30
C TYR A 104 -2.90 0.03 -34.84
N SER A 105 -2.05 -0.74 -34.17
CA SER A 105 -2.43 -2.09 -33.71
C SER A 105 -2.78 -3.01 -34.89
N ASP A 106 -2.13 -2.78 -36.03
CA ASP A 106 -2.35 -3.62 -37.22
C ASP A 106 -1.94 -5.09 -36.95
N ASN A 107 -2.90 -6.00 -37.10
CA ASN A 107 -2.67 -7.44 -36.81
C ASN A 107 -1.86 -8.17 -37.84
N THR A 108 -2.01 -7.79 -39.11
CA THR A 108 -1.19 -8.40 -40.15
C THR A 108 0.28 -7.97 -39.91
N ALA A 109 0.49 -6.70 -39.55
CA ALA A 109 1.84 -6.21 -39.27
C ALA A 109 2.46 -7.01 -38.12
N MET A 110 1.70 -7.22 -37.04
CA MET A 110 2.20 -8.01 -35.92
C MET A 110 2.60 -9.42 -36.37
N ASN A 111 1.78 -10.03 -37.22
CA ASN A 111 2.12 -11.39 -37.70
C ASN A 111 3.43 -11.42 -38.46
N LYS A 112 3.73 -10.35 -39.18
CA LYS A 112 5.02 -10.27 -39.90
C LYS A 112 6.20 -10.11 -38.93
N LEU A 113 5.97 -9.39 -37.82
CA LEU A 113 7.03 -9.25 -36.80
C LEU A 113 7.26 -10.65 -36.16
N ILE A 114 6.17 -11.33 -35.84
CA ILE A 114 6.29 -12.67 -35.24
C ILE A 114 7.04 -13.61 -36.19
N ALA A 115 6.69 -13.58 -37.47
CA ALA A 115 7.36 -14.45 -38.45
C ALA A 115 8.85 -14.14 -38.53
N GLN A 116 9.19 -12.85 -38.51
CA GLN A 116 10.59 -12.43 -38.58
C GLN A 116 11.39 -13.00 -37.37
N LEU A 117 10.71 -13.18 -36.24
CA LEU A 117 11.34 -13.68 -35.01
C LEU A 117 11.32 -15.21 -34.91
N GLY A 118 10.72 -15.88 -35.89
CA GLY A 118 10.69 -17.35 -35.92
C GLY A 118 9.45 -17.95 -35.31
N GLY A 119 8.43 -17.12 -35.07
CA GLY A 119 7.19 -17.60 -34.47
C GLY A 119 6.99 -17.04 -33.07
N PRO A 120 5.84 -17.31 -32.47
CA PRO A 120 5.59 -16.76 -31.11
C PRO A 120 6.70 -17.05 -30.11
N GLY A 121 7.28 -18.25 -30.20
CA GLY A 121 8.40 -18.64 -29.30
C GLY A 121 9.61 -17.72 -29.39
N GLY A 122 9.82 -17.12 -30.57
CA GLY A 122 10.91 -16.17 -30.74
C GLY A 122 10.68 -14.89 -29.94
N VAL A 123 9.41 -14.47 -29.84
CA VAL A 123 9.11 -13.29 -29.05
C VAL A 123 9.35 -13.63 -27.57
N THR A 124 8.92 -14.83 -27.16
CA THR A 124 9.14 -15.31 -25.78
C THR A 124 10.64 -15.40 -25.49
N ALA A 125 11.41 -15.90 -26.47
CA ALA A 125 12.87 -15.99 -26.30
C ALA A 125 13.51 -14.62 -26.02
N PHE A 126 13.07 -13.59 -26.73
CA PHE A 126 13.62 -12.27 -26.51
C PHE A 126 13.28 -11.81 -25.08
N ALA A 127 12.04 -12.04 -24.65
CA ALA A 127 11.64 -11.68 -23.31
C ALA A 127 12.56 -12.33 -22.27
N ARG A 128 12.83 -13.63 -22.43
CA ARG A 128 13.73 -14.31 -21.50
C ARG A 128 15.11 -13.67 -21.53
N ALA A 129 15.59 -13.31 -22.72
CA ALA A 129 16.93 -12.73 -22.87
C ALA A 129 17.10 -11.43 -22.11
N ILE A 130 16.01 -10.69 -21.93
CA ILE A 130 16.08 -9.43 -21.22
C ILE A 130 15.63 -9.56 -19.76
N GLY A 131 15.51 -10.80 -19.28
CA GLY A 131 15.21 -11.06 -17.86
C GLY A 131 13.75 -11.19 -17.48
N ASP A 132 12.87 -11.27 -18.48
CA ASP A 132 11.42 -11.42 -18.22
C ASP A 132 11.13 -12.92 -18.29
N GLU A 133 10.90 -13.52 -17.13
CA GLU A 133 10.65 -14.96 -17.03
CA GLU A 133 10.64 -14.96 -17.04
C GLU A 133 9.16 -15.29 -17.02
N THR A 134 8.33 -14.26 -17.17
CA THR A 134 6.89 -14.41 -17.06
C THR A 134 6.14 -14.37 -18.37
N PHE A 135 6.47 -13.41 -19.19
CA PHE A 135 5.85 -13.24 -20.47
C PHE A 135 5.86 -14.52 -21.28
N ARG A 136 4.75 -14.77 -21.98
CA ARG A 136 4.71 -15.86 -22.94
C ARG A 136 3.79 -15.54 -24.10
N LEU A 137 4.32 -15.68 -25.32
CA LEU A 137 3.51 -15.57 -26.50
C LEU A 137 3.46 -16.97 -27.12
N ASP A 138 2.25 -17.45 -27.37
CA ASP A 138 2.02 -18.81 -27.85
C ASP A 138 1.37 -18.89 -29.21
N ARG A 139 0.67 -17.83 -29.61
CA ARG A 139 -0.07 -17.83 -30.86
C ARG A 139 0.13 -16.55 -31.68
N THR A 140 -0.29 -16.61 -32.93
CA THR A 140 -0.23 -15.47 -33.81
C THR A 140 -1.57 -14.66 -33.71
N GLU A 141 -1.69 -13.61 -34.51
CA GLU A 141 -2.93 -12.86 -34.59
C GLU A 141 -3.86 -13.58 -35.55
N PRO A 142 -5.18 -13.57 -35.28
CA PRO A 142 -5.85 -12.94 -34.17
C PRO A 142 -6.10 -13.83 -32.95
N THR A 143 -5.75 -15.14 -33.03
CA THR A 143 -6.10 -16.02 -31.91
C THR A 143 -5.43 -15.71 -30.59
N LEU A 144 -4.31 -14.96 -30.61
CA LEU A 144 -3.67 -14.60 -29.33
C LEU A 144 -4.57 -13.68 -28.46
N ASN A 145 -5.71 -13.24 -29.04
CA ASN A 145 -6.66 -12.37 -28.30
C ASN A 145 -7.89 -13.09 -27.74
N THR A 146 -7.92 -14.42 -27.77
CA THR A 146 -9.10 -15.15 -27.26
C THR A 146 -9.38 -14.82 -25.80
N ALA A 147 -8.29 -14.60 -25.02
CA ALA A 147 -8.40 -14.11 -23.64
C ALA A 147 -9.32 -14.94 -22.74
N ILE A 148 -9.29 -16.25 -22.90
CA ILE A 148 -10.15 -17.14 -22.12
C ILE A 148 -9.70 -17.18 -20.65
N PRO A 149 -10.63 -17.00 -19.72
CA PRO A 149 -10.16 -17.04 -18.33
C PRO A 149 -9.48 -18.36 -18.00
N GLY A 150 -8.37 -18.29 -17.27
CA GLY A 150 -7.64 -19.50 -16.85
C GLY A 150 -6.65 -20.03 -17.86
N ASP A 151 -6.73 -19.52 -19.09
CA ASP A 151 -5.85 -19.94 -20.17
C ASP A 151 -4.50 -19.20 -20.01
N PRO A 152 -3.39 -19.96 -19.87
CA PRO A 152 -2.09 -19.31 -19.68
C PRO A 152 -1.48 -18.76 -20.99
N ARG A 153 -2.01 -19.17 -22.13
CA ARG A 153 -1.44 -18.74 -23.40
C ARG A 153 -1.49 -17.24 -23.57
N ASP A 154 -0.42 -16.68 -24.08
CA ASP A 154 -0.39 -15.27 -24.41
C ASP A 154 -0.74 -14.37 -23.21
N THR A 155 -0.11 -14.67 -22.09
CA THR A 155 -0.33 -13.89 -20.88
C THR A 155 0.96 -13.40 -20.28
N THR A 156 0.81 -12.47 -19.36
CA THR A 156 1.91 -12.05 -18.48
C THR A 156 1.30 -11.48 -17.21
N THR A 157 2.13 -11.01 -16.28
CA THR A 157 1.61 -10.37 -15.06
C THR A 157 1.90 -8.86 -15.13
N PRO A 158 1.09 -8.06 -14.43
CA PRO A 158 1.39 -6.62 -14.45
C PRO A 158 2.83 -6.29 -13.98
N ARG A 159 3.28 -6.94 -12.90
CA ARG A 159 4.63 -6.70 -12.39
C ARG A 159 5.70 -6.96 -13.45
N ALA A 160 5.58 -8.09 -14.12
CA ALA A 160 6.56 -8.43 -15.14
C ALA A 160 6.56 -7.48 -16.30
N MET A 161 5.36 -7.10 -16.78
CA MET A 161 5.29 -6.20 -17.93
CA MET A 161 5.28 -6.21 -17.93
C MET A 161 5.79 -4.80 -17.60
N ALA A 162 5.54 -4.34 -16.39
CA ALA A 162 6.02 -3.00 -16.00
C ALA A 162 7.56 -2.98 -15.95
N GLN A 163 8.15 -4.02 -15.36
CA GLN A 163 9.61 -4.10 -15.29
CA GLN A 163 9.60 -4.09 -15.27
C GLN A 163 10.20 -4.13 -16.68
N THR A 164 9.63 -4.95 -17.55
CA THR A 164 10.11 -5.08 -18.91
C THR A 164 9.95 -3.76 -19.69
N LEU A 165 8.80 -3.14 -19.60
CA LEU A 165 8.60 -1.88 -20.30
C LEU A 165 9.59 -0.83 -19.82
N ARG A 166 9.88 -0.81 -18.51
CA ARG A 166 10.86 0.13 -17.99
C ARG A 166 12.23 -0.13 -18.62
N GLN A 167 12.67 -1.39 -18.65
CA GLN A 167 13.96 -1.70 -19.22
C GLN A 167 14.03 -1.33 -20.72
N LEU A 168 12.95 -1.58 -21.45
CA LEU A 168 12.90 -1.29 -22.87
C LEU A 168 12.93 0.19 -23.21
N THR A 169 12.18 0.98 -22.47
CA THR A 169 12.00 2.38 -22.81
C THR A 169 12.91 3.35 -22.08
N LEU A 170 13.32 2.98 -20.85
CA LEU A 170 14.16 3.89 -20.02
C LEU A 170 15.49 3.32 -19.68
N GLY A 171 15.64 2.01 -19.86
CA GLY A 171 16.88 1.30 -19.52
C GLY A 171 17.74 0.94 -20.71
N HIS A 172 18.48 -0.14 -20.55
CA HIS A 172 19.45 -0.57 -21.55
C HIS A 172 19.19 -1.94 -22.16
N ALA A 173 17.93 -2.37 -22.21
CA ALA A 173 17.61 -3.66 -22.87
C ALA A 173 17.88 -3.56 -24.38
N LEU A 174 17.72 -2.35 -24.92
CA LEU A 174 18.00 -2.05 -26.32
C LEU A 174 19.13 -1.04 -26.41
N GLY A 175 19.77 -0.95 -27.58
CA GLY A 175 20.79 0.08 -27.81
C GLY A 175 20.11 1.45 -27.76
N GLU A 176 20.88 2.50 -27.53
CA GLU A 176 20.32 3.86 -27.42
CA GLU A 176 20.29 3.84 -27.41
C GLU A 176 19.40 4.25 -28.59
N THR A 177 19.88 4.02 -29.82
CA THR A 177 19.14 4.37 -31.02
C THR A 177 17.82 3.61 -31.08
N GLN A 178 17.88 2.34 -30.72
CA GLN A 178 16.70 1.48 -30.75
C GLN A 178 15.69 1.89 -29.65
N ARG A 179 16.20 2.21 -28.47
CA ARG A 179 15.35 2.64 -27.37
CA ARG A 179 15.35 2.65 -27.36
C ARG A 179 14.60 3.92 -27.78
N ALA A 180 15.34 4.86 -28.39
CA ALA A 180 14.73 6.11 -28.84
C ALA A 180 13.64 5.86 -29.89
N GLN A 181 13.91 4.92 -30.82
CA GLN A 181 12.92 4.58 -31.86
C GLN A 181 11.67 4.02 -31.22
N LEU A 182 11.84 3.14 -30.25
CA LEU A 182 10.69 2.54 -29.59
C LEU A 182 9.87 3.60 -28.87
N VAL A 183 10.55 4.50 -28.16
CA VAL A 183 9.83 5.56 -27.45
C VAL A 183 9.08 6.48 -28.44
N THR A 184 9.74 6.82 -29.55
CA THR A 184 9.12 7.64 -30.56
C THR A 184 7.83 6.94 -31.09
N TRP A 185 7.92 5.65 -31.38
CA TRP A 185 6.76 4.96 -31.87
C TRP A 185 5.63 4.99 -30.81
N LEU A 186 5.95 4.66 -29.56
CA LEU A 186 4.92 4.65 -28.51
C LEU A 186 4.25 6.01 -28.32
N LYS A 187 5.06 7.08 -28.34
CA LYS A 187 4.54 8.43 -28.18
C LYS A 187 3.60 8.80 -29.32
N GLY A 188 3.80 8.17 -30.48
CA GLY A 188 2.95 8.43 -31.66
C GLY A 188 1.75 7.49 -31.78
N ASN A 189 1.50 6.71 -30.73
CA ASN A 189 0.35 5.82 -30.77
C ASN A 189 -0.94 6.60 -31.07
N THR A 190 -1.83 5.98 -31.87
CA THR A 190 -3.12 6.64 -32.21
C THR A 190 -4.30 6.13 -31.39
N THR A 191 -4.16 5.05 -30.71
CA THR A 191 -5.29 4.38 -30.06
C THR A 191 -5.47 4.61 -28.58
N GLY A 192 -4.62 5.42 -27.97
CA GLY A 192 -4.62 5.45 -26.50
C GLY A 192 -5.30 6.52 -25.71
N ALA A 193 -5.90 7.51 -26.39
CA ALA A 193 -6.46 8.64 -25.64
C ALA A 193 -7.57 8.36 -24.62
N ALA A 194 -8.25 7.21 -24.76
CA ALA A 194 -9.36 6.86 -23.86
C ALA A 194 -8.93 5.98 -22.70
N SER A 195 -7.69 5.53 -22.73
CA SER A 195 -7.22 4.58 -21.75
C SER A 195 -6.40 5.23 -20.63
N ILE A 196 -5.19 4.75 -20.36
CA ILE A 196 -4.40 5.35 -19.28
C ILE A 196 -4.34 6.87 -19.41
N ARG A 197 -4.09 7.35 -20.61
CA ARG A 197 -3.92 8.76 -20.77
CA ARG A 197 -3.97 8.80 -20.89
C ARG A 197 -5.16 9.62 -20.41
N ALA A 198 -6.35 9.04 -20.47
CA ALA A 198 -7.55 9.77 -20.09
C ALA A 198 -7.62 10.02 -18.59
N GLY A 199 -6.78 9.32 -17.83
CA GLY A 199 -6.76 9.46 -16.38
C GLY A 199 -5.61 10.35 -15.89
N LEU A 200 -4.81 10.85 -16.82
CA LEU A 200 -3.67 11.70 -16.46
C LEU A 200 -3.93 13.16 -16.74
N PRO A 201 -3.31 14.05 -15.96
CA PRO A 201 -3.42 15.47 -16.26
C PRO A 201 -2.91 15.72 -17.69
N THR A 202 -3.55 16.65 -18.39
CA THR A 202 -3.20 16.93 -19.78
CA THR A 202 -3.20 16.95 -19.78
C THR A 202 -1.73 17.33 -19.97
N SER A 203 -1.17 18.04 -19.00
CA SER A 203 0.23 18.47 -19.09
C SER A 203 1.22 17.32 -19.17
N TRP A 204 0.82 16.16 -18.68
CA TRP A 204 1.71 15.01 -18.70
C TRP A 204 1.80 14.45 -20.13
N THR A 205 2.96 13.92 -20.48
CA THR A 205 3.13 13.32 -21.80
C THR A 205 3.36 11.83 -21.60
N ALA A 206 3.06 11.05 -22.62
CA ALA A 206 3.19 9.62 -22.49
C ALA A 206 3.25 8.94 -23.82
N GLY A 207 3.69 7.68 -23.78
CA GLY A 207 3.65 6.79 -24.94
C GLY A 207 2.96 5.55 -24.42
N ASP A 208 2.16 4.88 -25.24
CA ASP A 208 1.46 3.70 -24.75
C ASP A 208 1.14 2.72 -25.85
N LYS A 209 0.75 1.50 -25.45
CA LYS A 209 0.23 0.49 -26.38
C LYS A 209 -0.98 -0.14 -25.74
N THR A 210 -2.11 -0.07 -26.43
CA THR A 210 -3.36 -0.64 -25.93
C THR A 210 -3.51 -2.11 -26.35
N GLY A 211 -4.51 -2.77 -25.80
CA GLY A 211 -4.85 -4.11 -26.21
C GLY A 211 -6.33 -4.34 -25.95
N SER A 212 -6.95 -5.16 -26.80
CA SER A 212 -8.36 -5.49 -26.63
CA SER A 212 -8.37 -5.49 -26.66
C SER A 212 -8.58 -6.90 -27.12
N GLY A 213 -9.50 -7.62 -26.48
CA GLY A 213 -9.76 -8.99 -26.88
C GLY A 213 -11.12 -9.46 -26.42
N ASP A 214 -11.38 -10.75 -26.54
CA ASP A 214 -12.65 -11.29 -26.07
C ASP A 214 -12.68 -11.15 -24.52
N TYR A 215 -13.81 -11.52 -23.92
CA TYR A 215 -14.01 -11.35 -22.47
C TYR A 215 -13.85 -9.89 -22.06
N GLY A 216 -14.19 -8.99 -22.99
CA GLY A 216 -14.11 -7.54 -22.70
C GLY A 216 -12.74 -7.14 -22.20
N THR A 217 -11.73 -7.87 -22.65
CA THR A 217 -10.37 -7.61 -22.23
C THR A 217 -9.91 -6.25 -22.75
N THR A 218 -9.49 -5.38 -21.84
CA THR A 218 -9.14 -4.00 -22.17
C THR A 218 -7.87 -3.67 -21.43
N ASN A 219 -6.79 -3.45 -22.19
CA ASN A 219 -5.44 -3.28 -21.63
C ASN A 219 -4.75 -2.01 -22.10
N ASP A 220 -3.71 -1.62 -21.37
CA ASP A 220 -2.87 -0.50 -21.77
C ASP A 220 -1.59 -0.56 -20.97
N ILE A 221 -0.46 -0.29 -21.62
CA ILE A 221 0.83 -0.18 -20.96
C ILE A 221 1.48 1.11 -21.43
N ALA A 222 2.02 1.87 -20.48
CA ALA A 222 2.54 3.18 -20.79
C ALA A 222 3.79 3.58 -20.08
N VAL A 223 4.53 4.48 -20.72
CA VAL A 223 5.64 5.15 -20.11
CA VAL A 223 5.66 5.16 -20.11
C VAL A 223 5.21 6.61 -20.07
N ILE A 224 5.25 7.20 -18.88
CA ILE A 224 4.71 8.52 -18.64
C ILE A 224 5.73 9.50 -18.11
N TRP A 225 5.66 10.74 -18.62
CA TRP A 225 6.52 11.82 -18.15
C TRP A 225 5.65 12.89 -17.49
N PRO A 226 5.45 12.77 -16.18
CA PRO A 226 4.60 13.74 -15.51
C PRO A 226 5.25 15.08 -15.45
N GLN A 227 4.45 16.13 -15.29
CA GLN A 227 4.95 17.46 -15.19
C GLN A 227 5.90 17.59 -13.97
N GLY A 228 7.15 17.94 -14.23
CA GLY A 228 8.15 18.15 -13.17
C GLY A 228 8.56 16.92 -12.36
N ARG A 229 8.29 15.73 -12.90
CA ARG A 229 8.63 14.49 -12.20
CA ARG A 229 8.63 14.47 -12.20
C ARG A 229 9.36 13.50 -13.10
N ALA A 230 10.12 12.58 -12.47
CA ALA A 230 10.81 11.52 -13.20
C ALA A 230 9.72 10.65 -13.81
N PRO A 231 10.03 9.96 -14.90
CA PRO A 231 8.99 9.16 -15.55
C PRO A 231 8.42 8.01 -14.72
N LEU A 232 7.22 7.58 -15.12
CA LEU A 232 6.54 6.46 -14.52
C LEU A 232 6.34 5.41 -15.58
N VAL A 233 6.24 4.17 -15.16
CA VAL A 233 5.85 3.09 -16.03
C VAL A 233 4.56 2.52 -15.41
N LEU A 234 3.52 2.40 -16.22
CA LEU A 234 2.23 1.93 -15.71
C LEU A 234 1.59 0.91 -16.60
N VAL A 235 1.17 -0.20 -16.01
CA VAL A 235 0.46 -1.23 -16.72
C VAL A 235 -0.91 -1.37 -16.09
N THR A 236 -1.95 -1.36 -16.94
CA THR A 236 -3.35 -1.57 -16.48
C THR A 236 -4.01 -2.61 -17.36
N TYR A 237 -4.34 -3.75 -16.76
CA TYR A 237 -4.97 -4.87 -17.47
C TYR A 237 -6.36 -5.09 -16.88
N PHE A 238 -7.33 -5.41 -17.73
CA PHE A 238 -8.68 -5.60 -17.27
C PHE A 238 -9.38 -6.66 -18.09
N THR A 239 -10.03 -7.60 -17.43
CA THR A 239 -10.72 -8.67 -18.16
C THR A 239 -12.01 -9.04 -17.41
N GLN A 240 -13.00 -9.52 -18.17
CA GLN A 240 -14.36 -9.73 -17.64
C GLN A 240 -14.83 -11.18 -17.80
N PRO A 241 -15.85 -11.56 -17.02
CA PRO A 241 -16.29 -12.98 -17.01
C PRO A 241 -17.02 -13.51 -18.24
N GLN A 242 -17.66 -12.63 -19.02
CA GLN A 242 -18.44 -13.07 -20.21
C GLN A 242 -17.69 -12.84 -21.51
N GLN A 243 -17.73 -13.82 -22.39
CA GLN A 243 -16.99 -13.74 -23.64
C GLN A 243 -17.30 -12.50 -24.47
N ASN A 244 -18.56 -12.08 -24.50
CA ASN A 244 -18.99 -10.95 -25.30
CA ASN A 244 -18.93 -10.94 -25.31
C ASN A 244 -19.04 -9.62 -24.57
N ALA A 245 -18.37 -9.53 -23.42
CA ALA A 245 -18.39 -8.30 -22.64
C ALA A 245 -17.87 -7.09 -23.46
N GLU A 246 -18.38 -5.92 -23.14
CA GLU A 246 -17.96 -4.70 -23.82
C GLU A 246 -16.62 -4.21 -23.33
N SER A 247 -15.92 -3.47 -24.17
CA SER A 247 -14.63 -2.86 -23.80
CA SER A 247 -14.66 -2.87 -23.81
C SER A 247 -14.87 -1.85 -22.69
N ARG A 248 -13.91 -1.70 -21.80
CA ARG A 248 -14.02 -0.74 -20.68
C ARG A 248 -12.76 0.10 -20.52
N ARG A 249 -12.44 0.90 -21.54
CA ARG A 249 -11.27 1.76 -21.48
C ARG A 249 -11.41 2.76 -20.32
N ASP A 250 -12.65 3.09 -19.94
CA ASP A 250 -12.89 3.99 -18.83
C ASP A 250 -12.35 3.44 -17.51
N VAL A 251 -12.34 2.13 -17.37
CA VAL A 251 -11.83 1.50 -16.15
C VAL A 251 -10.31 1.70 -16.08
N LEU A 252 -9.65 1.65 -17.24
CA LEU A 252 -8.19 1.89 -17.28
C LEU A 252 -7.90 3.36 -16.95
N ALA A 253 -8.70 4.26 -17.51
CA ALA A 253 -8.56 5.69 -17.19
C ALA A 253 -8.72 5.91 -15.67
N SER A 254 -9.74 5.27 -15.09
CA SER A 254 -9.98 5.39 -13.65
C SER A 254 -8.81 4.89 -12.82
N ALA A 255 -8.21 3.78 -13.23
CA ALA A 255 -7.07 3.24 -12.52
C ALA A 255 -5.89 4.18 -12.59
N ALA A 256 -5.66 4.73 -13.79
CA ALA A 256 -4.60 5.67 -13.97
C ALA A 256 -4.81 6.93 -13.13
N ARG A 257 -6.06 7.39 -13.04
CA ARG A 257 -6.39 8.59 -12.26
CA ARG A 257 -6.34 8.59 -12.25
C ARG A 257 -6.06 8.37 -10.77
N ILE A 258 -6.41 7.20 -10.27
CA ILE A 258 -6.15 6.85 -8.88
C ILE A 258 -4.62 6.84 -8.63
N ILE A 259 -3.89 6.26 -9.56
CA ILE A 259 -2.42 6.22 -9.45
C ILE A 259 -1.82 7.65 -9.47
N ALA A 260 -2.31 8.49 -10.38
CA ALA A 260 -1.79 9.88 -10.52
C ALA A 260 -2.08 10.71 -9.29
N GLU A 261 -3.30 10.59 -8.77
CA GLU A 261 -3.69 11.36 -7.58
C GLU A 261 -2.95 10.85 -6.33
N GLY A 262 -2.45 9.63 -6.40
CA GLY A 262 -1.74 9.03 -5.26
C GLY A 262 -0.27 9.38 -5.22
N LEU A 263 0.19 10.11 -6.23
CA LEU A 263 1.59 10.51 -6.32
C LEU A 263 1.88 11.66 -5.37
N ALA B 4 24.71 11.43 26.34
CA ALA B 4 24.83 10.28 27.28
C ALA B 4 23.62 9.36 27.16
N VAL B 5 22.44 9.90 27.46
CA VAL B 5 21.19 9.12 27.36
CA VAL B 5 21.22 9.10 27.38
C VAL B 5 21.03 8.59 25.95
N GLN B 6 21.41 9.42 24.98
CA GLN B 6 21.33 9.05 23.58
C GLN B 6 22.18 7.82 23.31
N GLN B 7 23.43 7.86 23.79
CA GLN B 7 24.35 6.75 23.60
C GLN B 7 23.77 5.47 24.11
N LYS B 8 23.25 5.53 25.34
CA LYS B 8 22.68 4.35 25.99
C LYS B 8 21.48 3.75 25.25
N LEU B 9 20.59 4.60 24.76
CA LEU B 9 19.43 4.12 24.04
C LEU B 9 19.82 3.46 22.72
N ALA B 10 20.75 4.07 22.00
CA ALA B 10 21.21 3.50 20.74
C ALA B 10 21.86 2.14 20.99
N ALA B 11 22.65 2.03 22.06
CA ALA B 11 23.31 0.76 22.42
C ALA B 11 22.28 -0.29 22.78
N LEU B 12 21.26 0.11 23.52
CA LEU B 12 20.21 -0.81 23.88
C LEU B 12 19.51 -1.33 22.62
N GLU B 13 19.19 -0.42 21.70
CA GLU B 13 18.56 -0.81 20.47
C GLU B 13 19.43 -1.83 19.68
N LYS B 14 20.72 -1.53 19.53
CA LYS B 14 21.60 -2.43 18.80
C LYS B 14 21.61 -3.83 19.43
N SER B 15 21.68 -3.87 20.75
CA SER B 15 21.68 -5.12 21.46
C SER B 15 20.39 -5.89 21.23
N SER B 16 19.28 -5.15 21.19
CA SER B 16 17.94 -5.74 21.04
C SER B 16 17.69 -6.36 19.67
N GLY B 17 18.40 -5.89 18.65
CA GLY B 17 18.20 -6.37 17.29
C GLY B 17 16.98 -5.79 16.57
N GLY B 18 16.23 -4.91 17.26
CA GLY B 18 15.04 -4.33 16.66
C GLY B 18 15.10 -2.82 16.48
N ARG B 19 13.91 -2.21 16.43
CA ARG B 19 13.80 -0.77 16.25
C ARG B 19 13.05 -0.16 17.43
N LEU B 20 13.72 0.76 18.10
CA LEU B 20 13.24 1.36 19.33
C LEU B 20 12.87 2.82 19.14
N GLY B 21 11.73 3.23 19.72
CA GLY B 21 11.26 4.61 19.67
C GLY B 21 10.97 5.08 21.07
N VAL B 22 11.52 6.22 21.45
CA VAL B 22 11.33 6.75 22.79
C VAL B 22 11.01 8.24 22.72
N ALA B 23 10.06 8.69 23.57
CA ALA B 23 9.79 10.10 23.71
C ALA B 23 9.44 10.37 25.14
N LEU B 24 10.23 11.23 25.78
CA LEU B 24 10.00 11.66 27.15
C LEU B 24 9.66 13.12 27.17
N ILE B 25 8.69 13.49 28.00
CA ILE B 25 8.44 14.90 28.31
C ILE B 25 8.52 15.01 29.83
N ASP B 26 9.43 15.83 30.31
CA ASP B 26 9.55 16.03 31.75
C ASP B 26 8.78 17.32 32.07
N THR B 27 7.62 17.21 32.71
CA THR B 27 6.80 18.41 32.97
C THR B 27 7.38 19.37 34.01
N ALA B 28 8.46 18.97 34.66
CA ALA B 28 9.11 19.85 35.66
C ALA B 28 9.70 21.07 34.95
N ASP B 29 10.15 20.87 33.71
CA ASP B 29 10.82 21.93 32.97
C ASP B 29 10.57 21.87 31.45
N ASN B 30 9.65 20.99 31.03
CA ASN B 30 9.29 20.83 29.61
C ASN B 30 10.41 20.28 28.70
N THR B 31 11.47 19.77 29.30
CA THR B 31 12.55 19.19 28.52
C THR B 31 12.11 17.85 27.91
N GLN B 32 12.83 17.40 26.88
CA GLN B 32 12.47 16.17 26.20
C GLN B 32 13.65 15.33 25.91
N VAL B 33 13.39 14.07 25.69
CA VAL B 33 14.39 13.14 25.24
C VAL B 33 13.74 12.34 24.16
N LEU B 34 14.35 12.30 22.99
CA LEU B 34 13.79 11.62 21.85
C LEU B 34 14.76 10.66 21.24
N TYR B 35 14.25 9.52 20.79
CA TYR B 35 15.04 8.53 20.08
C TYR B 35 14.13 7.95 19.03
N ARG B 36 14.42 8.21 17.75
CA ARG B 36 13.53 7.86 16.66
C ARG B 36 12.14 8.45 16.96
N GLY B 37 12.16 9.66 17.54
CA GLY B 37 10.93 10.33 17.95
C GLY B 37 9.95 10.65 16.86
N ASP B 38 10.44 10.77 15.61
CA ASP B 38 9.56 11.13 14.51
C ASP B 38 9.28 9.99 13.53
N GLU B 39 9.71 8.77 13.89
CA GLU B 39 9.42 7.63 13.05
C GLU B 39 8.06 7.03 13.47
N ARG B 40 7.34 6.46 12.52
CA ARG B 40 6.09 5.80 12.81
C ARG B 40 6.32 4.41 13.34
N PHE B 41 5.49 4.01 14.31
CA PHE B 41 5.53 2.67 14.90
C PHE B 41 4.09 2.18 15.00
N PRO B 42 3.89 0.86 14.89
CA PRO B 42 2.54 0.30 15.06
C PRO B 42 2.18 0.44 16.55
N MET B 43 1.04 1.07 16.82
CA MET B 43 0.60 1.34 18.21
C MET B 43 0.11 0.12 18.97
N CYS B 44 -0.52 -0.80 18.25
CA CYS B 44 -1.16 -1.95 18.88
C CYS B 44 -2.05 -1.43 20.02
N GLY B 45 -2.08 -2.14 21.15
CA GLY B 45 -2.96 -1.80 22.26
C GLY B 45 -2.84 -0.40 22.84
N THR B 46 -1.73 0.28 22.59
CA THR B 46 -1.59 1.64 23.13
C THR B 46 -2.64 2.60 22.51
N SER B 47 -3.22 2.19 21.36
CA SER B 47 -4.28 2.99 20.72
C SER B 47 -5.56 3.00 21.54
N LYS B 48 -5.69 2.05 22.49
CA LYS B 48 -6.88 1.98 23.33
C LYS B 48 -7.04 3.26 24.17
N VAL B 49 -5.92 3.93 24.48
CA VAL B 49 -5.99 5.20 25.23
C VAL B 49 -6.76 6.26 24.44
N MET B 50 -6.47 6.36 23.14
CA MET B 50 -7.17 7.34 22.28
CA MET B 50 -7.16 7.33 22.30
C MET B 50 -8.66 7.03 22.17
N ALA B 51 -9.01 5.73 22.03
CA ALA B 51 -10.41 5.37 21.91
C ALA B 51 -11.17 5.68 23.20
N ALA B 52 -10.60 5.28 24.35
CA ALA B 52 -11.25 5.57 25.64
C ALA B 52 -11.38 7.07 25.87
N ALA B 53 -10.32 7.80 25.56
CA ALA B 53 -10.35 9.26 25.72
C ALA B 53 -11.43 9.92 24.84
N ALA B 54 -11.59 9.41 23.62
CA ALA B 54 -12.59 9.96 22.71
C ALA B 54 -14.00 9.77 23.26
N VAL B 55 -14.26 8.60 23.85
CA VAL B 55 -15.58 8.34 24.46
C VAL B 55 -15.76 9.24 25.70
N LEU B 56 -14.68 9.45 26.45
CA LEU B 56 -14.75 10.37 27.57
C LEU B 56 -15.11 11.79 27.06
N LYS B 57 -14.50 12.22 25.96
CA LYS B 57 -14.82 13.53 25.40
C LYS B 57 -16.31 13.59 25.01
N GLN B 58 -16.82 12.51 24.39
CA GLN B 58 -18.24 12.50 24.03
C GLN B 58 -19.10 12.65 25.26
N SER B 59 -18.67 12.05 26.37
CA SER B 59 -19.45 12.08 27.59
C SER B 59 -19.53 13.48 28.22
N GLU B 60 -18.71 14.41 27.73
CA GLU B 60 -18.76 15.78 28.26
C GLU B 60 -20.04 16.46 27.84
N THR B 61 -20.62 16.01 26.70
CA THR B 61 -21.89 16.61 26.19
C THR B 61 -23.09 15.63 26.23
N GLN B 62 -22.80 14.32 26.11
CA GLN B 62 -23.83 13.22 26.29
C GLN B 62 -23.57 12.76 27.72
N LYS B 63 -24.12 13.53 28.65
CA LYS B 63 -23.89 13.36 30.08
CA LYS B 63 -23.85 13.34 30.05
C LYS B 63 -24.01 11.95 30.67
N GLN B 64 -24.94 11.16 30.14
CA GLN B 64 -25.13 9.80 30.69
C GLN B 64 -24.51 8.72 29.82
N LEU B 65 -23.72 9.13 28.84
CA LEU B 65 -23.15 8.19 27.88
C LEU B 65 -22.41 7.01 28.51
N LEU B 66 -21.59 7.29 29.52
CA LEU B 66 -20.78 6.21 30.14
C LEU B 66 -21.60 5.12 30.78
N ASN B 67 -22.87 5.41 31.09
CA ASN B 67 -23.74 4.42 31.72
C ASN B 67 -24.64 3.68 30.73
N GLN B 68 -24.48 3.98 29.45
CA GLN B 68 -25.29 3.36 28.39
C GLN B 68 -24.92 1.90 28.22
N PRO B 69 -25.92 1.01 28.32
CA PRO B 69 -25.63 -0.41 28.13
C PRO B 69 -25.35 -0.71 26.68
N VAL B 70 -24.37 -1.56 26.44
CA VAL B 70 -23.99 -1.97 25.13
C VAL B 70 -24.09 -3.50 25.05
N GLU B 71 -24.79 -3.97 24.04
CA GLU B 71 -24.96 -5.41 23.85
CA GLU B 71 -24.96 -5.42 23.86
C GLU B 71 -23.66 -6.12 23.49
N ILE B 72 -23.40 -7.25 24.14
CA ILE B 72 -22.22 -8.07 23.83
C ILE B 72 -22.71 -9.40 23.32
N LYS B 73 -22.40 -9.73 22.09
CA LYS B 73 -22.85 -10.99 21.49
C LYS B 73 -21.70 -11.96 21.40
N PRO B 74 -22.00 -13.27 21.47
CA PRO B 74 -20.92 -14.24 21.29
C PRO B 74 -20.13 -13.98 19.97
N ALA B 75 -20.82 -13.50 18.94
CA ALA B 75 -20.18 -13.18 17.64
C ALA B 75 -19.18 -12.00 17.72
N ASP B 76 -19.30 -11.19 18.75
CA ASP B 76 -18.43 -10.03 18.93
C ASP B 76 -17.06 -10.43 19.43
N LEU B 77 -16.95 -11.58 20.09
CA LEU B 77 -15.68 -11.97 20.65
C LEU B 77 -14.65 -12.14 19.58
N VAL B 78 -13.44 -11.67 19.86
CA VAL B 78 -12.36 -11.80 18.96
C VAL B 78 -11.26 -12.67 19.58
N ASN B 79 -10.01 -12.24 19.49
CA ASN B 79 -8.89 -13.09 19.95
C ASN B 79 -8.47 -13.00 21.43
N TYR B 80 -8.89 -11.95 22.11
CA TYR B 80 -8.50 -11.74 23.50
C TYR B 80 -9.58 -10.91 24.17
N ASN B 81 -10.41 -11.58 24.99
CA ASN B 81 -11.59 -10.97 25.58
C ASN B 81 -11.77 -11.38 27.06
N PRO B 82 -10.78 -11.08 27.90
CA PRO B 82 -10.80 -11.52 29.30
C PRO B 82 -12.00 -11.03 30.08
N ILE B 83 -12.49 -9.85 29.73
CA ILE B 83 -13.65 -9.30 30.42
C ILE B 83 -14.95 -9.56 29.64
N ALA B 84 -14.96 -9.21 28.36
CA ALA B 84 -16.18 -9.33 27.56
C ALA B 84 -16.76 -10.74 27.52
N GLU B 85 -15.91 -11.77 27.56
CA GLU B 85 -16.42 -13.15 27.47
C GLU B 85 -17.39 -13.49 28.61
N LYS B 86 -17.27 -12.80 29.72
CA LYS B 86 -18.14 -13.03 30.86
CA LYS B 86 -18.14 -13.04 30.85
C LYS B 86 -19.52 -12.42 30.63
N HIS B 87 -19.61 -11.49 29.69
CA HIS B 87 -20.86 -10.77 29.46
C HIS B 87 -21.57 -11.02 28.16
N VAL B 88 -21.15 -12.05 27.42
CA VAL B 88 -21.81 -12.41 26.16
CA VAL B 88 -21.83 -12.37 26.16
C VAL B 88 -23.30 -12.68 26.43
N ASN B 89 -24.13 -12.33 25.47
CA ASN B 89 -25.59 -12.47 25.61
C ASN B 89 -26.08 -11.61 26.77
N GLY B 90 -25.34 -10.55 27.03
CA GLY B 90 -25.68 -9.59 28.06
C GLY B 90 -25.22 -8.20 27.61
N THR B 91 -24.94 -7.35 28.56
CA THR B 91 -24.50 -5.99 28.23
C THR B 91 -23.39 -5.54 29.16
N MET B 92 -22.66 -4.52 28.70
CA MET B 92 -21.65 -3.82 29.51
C MET B 92 -21.85 -2.32 29.21
N THR B 93 -21.58 -1.47 30.18
CA THR B 93 -21.71 -0.02 29.94
C THR B 93 -20.45 0.48 29.23
N LEU B 94 -20.52 1.67 28.65
CA LEU B 94 -19.34 2.21 27.99
C LEU B 94 -18.22 2.47 28.99
N ALA B 95 -18.58 2.75 30.24
CA ALA B 95 -17.56 2.93 31.28
C ALA B 95 -16.88 1.57 31.53
N GLU B 96 -17.67 0.51 31.65
CA GLU B 96 -17.13 -0.82 31.85
C GLU B 96 -16.25 -1.25 30.66
N LEU B 97 -16.69 -0.89 29.44
CA LEU B 97 -15.92 -1.24 28.24
C LEU B 97 -14.61 -0.47 28.19
N SER B 98 -14.65 0.79 28.61
CA SER B 98 -13.43 1.63 28.67
C SER B 98 -12.45 1.07 29.65
N ALA B 99 -12.92 0.72 30.83
CA ALA B 99 -12.03 0.15 31.83
C ALA B 99 -11.48 -1.20 31.39
N ALA B 100 -12.31 -2.02 30.72
CA ALA B 100 -11.86 -3.32 30.24
C ALA B 100 -10.78 -3.15 29.16
N ALA B 101 -11.02 -2.23 28.22
CA ALA B 101 -10.06 -1.97 27.17
C ALA B 101 -8.72 -1.46 27.75
N LEU B 102 -8.80 -0.52 28.68
CA LEU B 102 -7.59 0.07 29.23
C LEU B 102 -6.83 -0.84 30.20
N GLN B 103 -7.54 -1.39 31.18
CA GLN B 103 -6.89 -2.11 32.25
C GLN B 103 -6.58 -3.56 31.98
N TYR B 104 -7.30 -4.17 31.03
CA TYR B 104 -7.10 -5.57 30.69
C TYR B 104 -6.75 -5.76 29.21
N SER B 105 -6.77 -4.67 28.44
CA SER B 105 -6.48 -4.74 27.01
C SER B 105 -7.48 -5.64 26.27
N ASP B 106 -8.72 -5.65 26.74
CA ASP B 106 -9.76 -6.46 26.13
C ASP B 106 -10.10 -5.95 24.73
N ASN B 107 -9.89 -6.81 23.73
CA ASN B 107 -10.09 -6.44 22.33
C ASN B 107 -11.54 -6.27 21.90
N THR B 108 -12.43 -7.06 22.51
CA THR B 108 -13.85 -6.92 22.22
C THR B 108 -14.31 -5.55 22.75
N ALA B 109 -13.85 -5.21 23.94
CA ALA B 109 -14.19 -3.91 24.54
C ALA B 109 -13.70 -2.77 23.64
N MET B 110 -12.44 -2.88 23.15
CA MET B 110 -11.89 -1.86 22.25
C MET B 110 -12.78 -1.71 21.00
N ASN B 111 -13.23 -2.83 20.43
CA ASN B 111 -14.12 -2.78 19.26
C ASN B 111 -15.43 -2.08 19.55
N LYS B 112 -15.95 -2.21 20.77
CA LYS B 112 -17.19 -1.48 21.11
C LYS B 112 -16.90 0.03 21.22
N LEU B 113 -15.73 0.40 21.73
CA LEU B 113 -15.38 1.81 21.78
C LEU B 113 -15.28 2.37 20.35
N ILE B 114 -14.57 1.63 19.49
CA ILE B 114 -14.42 2.05 18.12
C ILE B 114 -15.78 2.20 17.44
N ALA B 115 -16.69 1.24 17.68
CA ALA B 115 -18.02 1.31 17.07
C ALA B 115 -18.81 2.54 17.56
N GLN B 116 -18.72 2.83 18.84
CA GLN B 116 -19.40 4.00 19.41
C GLN B 116 -18.92 5.28 18.72
N LEU B 117 -17.65 5.29 18.32
CA LEU B 117 -17.02 6.47 17.69
C LEU B 117 -17.23 6.52 16.18
N GLY B 118 -17.95 5.53 15.65
CA GLY B 118 -18.26 5.48 14.19
C GLY B 118 -17.26 4.74 13.32
N GLY B 119 -16.34 3.99 13.95
CA GLY B 119 -15.33 3.26 13.21
C GLY B 119 -13.96 3.81 13.55
N PRO B 120 -12.92 3.15 13.06
CA PRO B 120 -11.55 3.61 13.37
C PRO B 120 -11.33 5.08 13.04
N GLY B 121 -11.98 5.56 11.96
CA GLY B 121 -11.84 6.97 11.56
C GLY B 121 -12.33 7.95 12.63
N GLY B 122 -13.26 7.49 13.48
CA GLY B 122 -13.77 8.33 14.55
C GLY B 122 -12.68 8.54 15.61
N VAL B 123 -11.83 7.53 15.80
CA VAL B 123 -10.73 7.68 16.76
C VAL B 123 -9.72 8.69 16.22
N THR B 124 -9.42 8.59 14.91
CA THR B 124 -8.54 9.54 14.25
C THR B 124 -9.14 10.96 14.33
N ALA B 125 -10.45 11.06 14.13
CA ALA B 125 -11.12 12.36 14.20
C ALA B 125 -10.92 13.01 15.59
N PHE B 126 -11.01 12.21 16.64
CA PHE B 126 -10.81 12.76 17.97
C PHE B 126 -9.37 13.24 18.10
N ALA B 127 -8.40 12.43 17.61
CA ALA B 127 -7.00 12.86 17.66
C ALA B 127 -6.84 14.22 17.01
N ARG B 128 -7.43 14.41 15.83
CA ARG B 128 -7.30 15.71 15.14
C ARG B 128 -7.94 16.83 15.97
N ALA B 129 -9.05 16.53 16.62
CA ALA B 129 -9.76 17.52 17.42
C ALA B 129 -8.94 18.03 18.60
N ILE B 130 -8.01 17.20 19.10
CA ILE B 130 -7.15 17.60 20.22
C ILE B 130 -5.75 17.97 19.78
N GLY B 131 -5.60 18.19 18.48
CA GLY B 131 -4.34 18.70 17.93
C GLY B 131 -3.28 17.71 17.54
N ASP B 132 -3.64 16.44 17.49
CA ASP B 132 -2.71 15.41 17.06
C ASP B 132 -2.94 15.16 15.59
N GLU B 133 -2.00 15.63 14.75
CA GLU B 133 -2.10 15.50 13.30
CA GLU B 133 -2.11 15.49 13.30
C GLU B 133 -1.38 14.26 12.76
N THR B 134 -0.80 13.48 13.65
CA THR B 134 0.03 12.30 13.30
C THR B 134 -0.66 10.95 13.48
N PHE B 135 -1.30 10.76 14.62
CA PHE B 135 -2.03 9.55 14.92
C PHE B 135 -2.99 9.14 13.82
N ARG B 136 -3.08 7.84 13.57
CA ARG B 136 -4.11 7.31 12.70
C ARG B 136 -4.51 5.91 13.13
N LEU B 137 -5.84 5.68 13.24
CA LEU B 137 -6.38 4.36 13.45
C LEU B 137 -7.14 3.99 12.20
N ASP B 138 -6.82 2.84 11.62
CA ASP B 138 -7.39 2.42 10.35
C ASP B 138 -8.21 1.14 10.41
N ARG B 139 -7.91 0.30 11.40
CA ARG B 139 -8.58 -0.99 11.52
C ARG B 139 -9.10 -1.26 12.91
N THR B 140 -9.93 -2.29 13.02
CA THR B 140 -10.49 -2.72 14.31
C THR B 140 -9.56 -3.80 14.89
N GLU B 141 -9.94 -4.36 16.04
CA GLU B 141 -9.20 -5.47 16.60
C GLU B 141 -9.71 -6.76 15.93
N PRO B 142 -8.80 -7.71 15.66
CA PRO B 142 -7.39 -7.71 16.01
C PRO B 142 -6.44 -7.26 14.89
N THR B 143 -6.95 -6.98 13.68
CA THR B 143 -6.05 -6.64 12.57
C THR B 143 -5.21 -5.36 12.75
N LEU B 144 -5.60 -4.48 13.68
CA LEU B 144 -4.80 -3.26 13.88
C LEU B 144 -3.42 -3.59 14.45
N ASN B 145 -3.23 -4.86 14.83
CA ASN B 145 -1.95 -5.32 15.42
C ASN B 145 -1.02 -6.05 14.46
N THR B 146 -1.29 -5.99 13.14
CA THR B 146 -0.40 -6.71 12.18
C THR B 146 1.06 -6.21 12.20
N ALA B 147 1.23 -4.92 12.49
CA ALA B 147 2.58 -4.36 12.65
C ALA B 147 3.55 -4.65 11.50
N ILE B 148 3.05 -4.62 10.27
CA ILE B 148 3.88 -4.87 9.10
C ILE B 148 4.87 -3.71 8.87
N PRO B 149 6.16 -4.04 8.70
CA PRO B 149 7.17 -3.00 8.48
C PRO B 149 6.83 -2.11 7.28
N GLY B 150 6.87 -0.79 7.47
CA GLY B 150 6.57 0.17 6.38
C GLY B 150 5.11 0.59 6.29
N ASP B 151 4.22 -0.25 6.84
CA ASP B 151 2.77 0.01 6.81
C ASP B 151 2.39 1.17 7.75
N PRO B 152 1.86 2.26 7.20
CA PRO B 152 1.49 3.40 8.06
C PRO B 152 0.16 3.23 8.80
N ARG B 153 -0.59 2.18 8.50
CA ARG B 153 -1.88 2.00 9.16
C ARG B 153 -1.70 1.77 10.66
N ASP B 154 -2.56 2.42 11.46
CA ASP B 154 -2.55 2.20 12.91
C ASP B 154 -1.21 2.49 13.54
N THR B 155 -0.62 3.61 13.12
CA THR B 155 0.66 4.05 13.65
C THR B 155 0.61 5.48 14.17
N THR B 156 1.64 5.83 14.90
CA THR B 156 1.91 7.19 15.30
C THR B 156 3.40 7.29 15.59
N THR B 157 3.86 8.48 15.97
CA THR B 157 5.29 8.65 16.31
C THR B 157 5.40 8.81 17.81
N PRO B 158 6.54 8.45 18.37
CA PRO B 158 6.69 8.62 19.81
C PRO B 158 6.50 10.09 20.24
N ARG B 159 7.03 11.03 19.48
CA ARG B 159 6.90 12.45 19.84
C ARG B 159 5.42 12.85 19.90
N ALA B 160 4.66 12.46 18.88
CA ALA B 160 3.27 12.80 18.82
C ALA B 160 2.49 12.15 19.96
N MET B 161 2.76 10.88 20.23
CA MET B 161 2.01 10.21 21.30
CA MET B 161 2.03 10.17 21.30
C MET B 161 2.34 10.74 22.68
N ALA B 162 3.59 11.14 22.90
CA ALA B 162 3.96 11.71 24.21
C ALA B 162 3.22 13.07 24.39
N GLN B 163 3.20 13.87 23.33
CA GLN B 163 2.53 15.16 23.39
C GLN B 163 1.04 14.96 23.65
N THR B 164 0.43 14.02 22.94
CA THR B 164 -1.00 13.76 23.15
C THR B 164 -1.29 13.16 24.54
N LEU B 165 -0.47 12.22 25.00
CA LEU B 165 -0.72 11.65 26.33
C LEU B 165 -0.60 12.76 27.39
N ARG B 166 0.34 13.68 27.20
CA ARG B 166 0.47 14.79 28.13
C ARG B 166 -0.80 15.65 28.10
N GLN B 167 -1.29 15.95 26.90
CA GLN B 167 -2.51 16.76 26.77
C GLN B 167 -3.71 16.07 27.42
N LEU B 168 -3.80 14.75 27.28
CA LEU B 168 -4.94 13.99 27.83
C LEU B 168 -4.92 13.84 29.32
N THR B 169 -3.75 13.61 29.87
CA THR B 169 -3.62 13.31 31.32
C THR B 169 -3.15 14.45 32.20
N LEU B 170 -2.50 15.45 31.63
N LEU B 170 -2.38 15.39 31.60
CA LEU B 170 -2.01 16.55 32.46
CA LEU B 170 -1.78 16.55 32.30
C LEU B 170 -2.52 17.86 31.96
C LEU B 170 -1.94 17.81 31.45
N GLY B 171 -2.92 17.88 30.69
N GLY B 171 -3.13 18.00 30.94
CA GLY B 171 -3.42 19.08 30.03
CA GLY B 171 -3.45 19.14 30.11
C GLY B 171 -4.93 19.14 29.90
C GLY B 171 -4.93 19.34 30.05
N HIS B 172 -5.40 19.96 28.98
CA HIS B 172 -6.81 20.28 28.84
C HIS B 172 -7.55 19.76 27.62
N ALA B 173 -7.11 18.65 27.08
CA ALA B 173 -7.81 18.04 25.97
C ALA B 173 -9.18 17.60 26.43
N LEU B 174 -9.27 17.17 27.71
CA LEU B 174 -10.53 16.70 28.31
C LEU B 174 -10.90 17.60 29.44
N GLY B 175 -12.17 17.54 29.84
CA GLY B 175 -12.63 18.27 31.02
C GLY B 175 -11.99 17.65 32.26
N GLU B 176 -11.94 18.38 33.37
CA GLU B 176 -11.24 17.88 34.54
C GLU B 176 -11.71 16.50 35.03
N THR B 177 -13.02 16.29 35.09
CA THR B 177 -13.56 15.00 35.56
C THR B 177 -13.14 13.87 34.64
N GLN B 178 -13.11 14.15 33.34
CA GLN B 178 -12.75 13.14 32.37
C GLN B 178 -11.26 12.85 32.39
N ARG B 179 -10.46 13.91 32.54
CA ARG B 179 -9.02 13.74 32.67
C ARG B 179 -8.74 12.86 33.90
N ALA B 180 -9.37 13.20 35.02
CA ALA B 180 -9.18 12.44 36.24
C ALA B 180 -9.56 10.96 36.05
N GLN B 181 -10.69 10.72 35.37
CA GLN B 181 -11.12 9.34 35.13
C GLN B 181 -10.11 8.57 34.29
N LEU B 182 -9.58 9.22 33.27
CA LEU B 182 -8.60 8.56 32.43
C LEU B 182 -7.36 8.19 33.25
N VAL B 183 -6.87 9.12 34.04
CA VAL B 183 -5.69 8.84 34.86
C VAL B 183 -5.96 7.73 35.89
N THR B 184 -7.13 7.77 36.53
CA THR B 184 -7.49 6.70 37.46
C THR B 184 -7.48 5.35 36.74
N TRP B 185 -8.03 5.30 35.53
CA TRP B 185 -8.04 4.05 34.80
C TRP B 185 -6.59 3.58 34.49
N LEU B 186 -5.75 4.48 33.97
CA LEU B 186 -4.38 4.13 33.65
C LEU B 186 -3.63 3.62 34.88
N LYS B 187 -3.85 4.28 36.04
CA LYS B 187 -3.17 3.88 37.28
C LYS B 187 -3.59 2.49 37.73
N GLY B 188 -4.78 2.06 37.30
CA GLY B 188 -5.29 0.72 37.65
C GLY B 188 -4.98 -0.33 36.62
N ASN B 189 -4.12 -0.02 35.66
CA ASN B 189 -3.77 -1.00 34.65
C ASN B 189 -3.22 -2.28 35.29
N THR B 190 -3.56 -3.44 34.71
CA THR B 190 -3.09 -4.73 35.25
C THR B 190 -1.92 -5.31 34.46
N THR B 191 -1.67 -4.80 33.30
CA THR B 191 -0.69 -5.41 32.41
C THR B 191 0.70 -4.81 32.34
N GLY B 192 1.01 -3.83 33.15
CA GLY B 192 2.23 -3.05 32.95
C GLY B 192 3.46 -3.26 33.78
N ALA B 193 3.40 -4.17 34.77
CA ALA B 193 4.53 -4.29 35.69
C ALA B 193 5.86 -4.70 35.07
N ALA B 194 5.82 -5.32 33.90
CA ALA B 194 7.05 -5.80 33.24
C ALA B 194 7.62 -4.83 32.23
N SER B 195 6.90 -3.74 31.99
CA SER B 195 7.28 -2.83 30.94
C SER B 195 7.99 -1.57 31.48
N ILE B 196 7.51 -0.38 31.12
CA ILE B 196 8.16 0.84 31.59
C ILE B 196 8.37 0.81 33.10
N ARG B 197 7.32 0.42 33.82
CA ARG B 197 7.38 0.43 35.27
C ARG B 197 8.44 -0.49 35.88
N ALA B 198 8.84 -1.53 35.14
CA ALA B 198 9.89 -2.42 35.66
C ALA B 198 11.25 -1.71 35.71
N GLY B 199 11.38 -0.61 34.97
CA GLY B 199 12.62 0.15 34.93
C GLY B 199 12.65 1.35 35.86
N LEU B 200 11.58 1.54 36.64
CA LEU B 200 11.50 2.70 37.54
C LEU B 200 11.58 2.27 38.98
N PRO B 201 12.09 3.16 39.85
CA PRO B 201 12.10 2.85 41.29
C PRO B 201 10.68 2.53 41.75
N THR B 202 10.55 1.63 42.72
CA THR B 202 9.23 1.21 43.20
C THR B 202 8.42 2.36 43.77
N SER B 203 9.11 3.32 44.37
CA SER B 203 8.45 4.47 45.00
C SER B 203 7.71 5.36 44.02
N TRP B 204 8.10 5.32 42.76
CA TRP B 204 7.46 6.13 41.76
C TRP B 204 6.11 5.53 41.44
N THR B 205 5.10 6.36 41.25
CA THR B 205 3.80 5.86 40.91
C THR B 205 3.58 6.14 39.44
N ALA B 206 2.74 5.34 38.80
CA ALA B 206 2.51 5.53 37.40
C ALA B 206 1.24 4.91 36.90
N GLY B 207 0.81 5.35 35.74
CA GLY B 207 -0.30 4.77 35.03
C GLY B 207 0.24 4.48 33.65
N ASP B 208 -0.23 3.42 33.02
CA ASP B 208 0.29 3.09 31.69
C ASP B 208 -0.66 2.26 30.90
N LYS B 209 -0.36 2.16 29.59
CA LYS B 209 -1.11 1.25 28.67
C LYS B 209 -0.12 0.55 27.77
N THR B 210 -0.08 -0.78 27.84
CA THR B 210 0.82 -1.56 27.04
C THR B 210 0.24 -1.86 25.67
N GLY B 211 1.06 -2.42 24.80
CA GLY B 211 0.62 -2.90 23.51
C GLY B 211 1.52 -4.02 23.04
N SER B 212 0.95 -4.95 22.28
CA SER B 212 1.72 -6.04 21.71
CA SER B 212 1.71 -6.07 21.73
CA SER B 212 1.71 -6.05 21.72
C SER B 212 1.12 -6.46 20.39
N GLY B 213 1.97 -6.91 19.47
CA GLY B 213 1.47 -7.32 18.16
C GLY B 213 2.44 -8.21 17.44
N ASP B 214 2.22 -8.41 16.15
CA ASP B 214 3.13 -9.25 15.36
C ASP B 214 4.47 -8.53 15.24
N TYR B 215 5.46 -9.20 14.67
CA TYR B 215 6.80 -8.65 14.54
C TYR B 215 7.35 -8.31 15.93
N GLY B 216 6.94 -9.10 16.92
CA GLY B 216 7.41 -8.91 18.31
C GLY B 216 7.23 -7.48 18.81
N THR B 217 6.19 -6.82 18.32
CA THR B 217 5.94 -5.44 18.68
C THR B 217 5.55 -5.37 20.15
N THR B 218 6.30 -4.57 20.91
CA THR B 218 6.13 -4.47 22.36
C THR B 218 6.18 -3.01 22.73
N ASN B 219 5.04 -2.48 23.17
CA ASN B 219 4.90 -1.02 23.44
C ASN B 219 4.41 -0.71 24.83
N ASP B 220 4.59 0.54 25.24
CA ASP B 220 4.05 1.02 26.50
C ASP B 220 4.07 2.53 26.49
N ILE B 221 3.01 3.13 27.01
CA ILE B 221 2.96 4.59 27.15
C ILE B 221 2.51 4.87 28.58
N ALA B 222 3.19 5.80 29.24
CA ALA B 222 2.95 6.03 30.64
C ALA B 222 3.03 7.45 31.10
N VAL B 223 2.34 7.69 32.21
CA VAL B 223 2.43 8.95 32.92
CA VAL B 223 2.42 8.95 32.93
C VAL B 223 2.98 8.57 34.30
N ILE B 224 4.06 9.23 34.70
CA ILE B 224 4.79 8.86 35.88
C ILE B 224 4.99 9.97 36.85
N TRP B 225 4.86 9.66 38.15
CA TRP B 225 5.11 10.64 39.21
C TRP B 225 6.33 10.21 40.00
N PRO B 226 7.51 10.76 39.65
CA PRO B 226 8.71 10.37 40.39
C PRO B 226 8.68 10.93 41.78
N GLN B 227 9.41 10.30 42.69
CA GLN B 227 9.45 10.75 44.06
CA GLN B 227 9.46 10.75 44.06
C GLN B 227 9.87 12.21 44.16
N GLY B 228 8.99 13.02 44.76
CA GLY B 228 9.26 14.47 44.98
C GLY B 228 9.38 15.36 43.75
N ARG B 229 8.98 14.87 42.58
CA ARG B 229 9.08 15.66 41.34
C ARG B 229 7.80 15.75 40.53
N ALA B 230 7.78 16.70 39.60
CA ALA B 230 6.68 16.86 38.66
C ALA B 230 6.62 15.63 37.74
N PRO B 231 5.41 15.30 37.24
CA PRO B 231 5.31 14.07 36.44
C PRO B 231 6.00 14.08 35.10
N LEU B 232 6.27 12.86 34.61
CA LEU B 232 6.85 12.63 33.31
C LEU B 232 5.82 11.94 32.44
N VAL B 233 5.97 12.09 31.13
CA VAL B 233 5.18 11.35 30.17
C VAL B 233 6.21 10.60 29.34
N LEU B 234 6.09 9.27 29.27
CA LEU B 234 7.08 8.47 28.55
C LEU B 234 6.43 7.50 27.61
N VAL B 235 6.89 7.50 26.35
CA VAL B 235 6.43 6.56 25.35
C VAL B 235 7.62 5.70 24.94
N THR B 236 7.44 4.37 24.92
CA THR B 236 8.48 3.44 24.47
C THR B 236 7.84 2.46 23.51
N TYR B 237 8.25 2.52 22.24
CA TYR B 237 7.74 1.65 21.22
C TYR B 237 8.87 0.74 20.72
N PHE B 238 8.56 -0.51 20.42
CA PHE B 238 9.60 -1.44 19.96
C PHE B 238 9.04 -2.44 19.01
N THR B 239 9.72 -2.66 17.90
CA THR B 239 9.27 -3.64 16.93
C THR B 239 10.47 -4.33 16.31
N GLN B 240 10.26 -5.54 15.78
CA GLN B 240 11.37 -6.38 15.33
C GLN B 240 11.26 -6.85 13.88
N PRO B 241 12.38 -7.36 13.33
CA PRO B 241 12.40 -7.76 11.92
C PRO B 241 11.59 -8.99 11.57
N GLN B 242 11.48 -9.95 12.49
CA GLN B 242 10.78 -11.21 12.20
C GLN B 242 9.31 -11.19 12.62
N GLN B 243 8.41 -11.60 11.72
CA GLN B 243 6.98 -11.60 12.01
C GLN B 243 6.64 -12.35 13.30
N ASN B 244 7.34 -13.46 13.57
CA ASN B 244 7.08 -14.29 14.73
CA ASN B 244 7.08 -14.27 14.74
C ASN B 244 8.00 -14.01 15.92
N ALA B 245 8.63 -12.83 15.94
CA ALA B 245 9.54 -12.49 17.03
C ALA B 245 8.83 -12.51 18.40
N GLU B 246 9.57 -12.88 19.44
CA GLU B 246 9.06 -12.93 20.80
C GLU B 246 8.90 -11.53 21.36
N SER B 247 8.08 -11.40 22.38
CA SER B 247 7.88 -10.12 23.06
CA SER B 247 7.88 -10.12 23.04
C SER B 247 9.14 -9.76 23.79
N ARG B 248 9.39 -8.46 23.93
CA ARG B 248 10.57 -7.98 24.62
C ARG B 248 10.25 -6.83 25.57
N ARG B 249 9.39 -7.11 26.54
CA ARG B 249 9.02 -6.08 27.51
CA ARG B 249 9.03 -6.08 27.52
C ARG B 249 10.26 -5.59 28.29
N ASP B 250 11.29 -6.45 28.38
CA ASP B 250 12.54 -6.09 29.07
C ASP B 250 13.23 -4.89 28.39
N VAL B 251 13.03 -4.77 27.08
CA VAL B 251 13.63 -3.66 26.34
C VAL B 251 12.99 -2.34 26.76
N LEU B 252 11.68 -2.39 26.98
CA LEU B 252 10.96 -1.19 27.42
C LEU B 252 11.43 -0.83 28.84
N ALA B 253 11.55 -1.84 29.69
CA ALA B 253 12.04 -1.62 31.06
C ALA B 253 13.45 -1.01 31.04
N SER B 254 14.33 -1.54 30.18
CA SER B 254 15.71 -1.01 30.07
C SER B 254 15.72 0.43 29.59
N ALA B 255 14.85 0.74 28.63
CA ALA B 255 14.75 2.12 28.12
C ALA B 255 14.31 3.06 29.24
N ALA B 256 13.30 2.63 30.02
CA ALA B 256 12.80 3.45 31.11
C ALA B 256 13.86 3.65 32.17
N ARG B 257 14.67 2.61 32.43
CA ARG B 257 15.72 2.67 33.44
C ARG B 257 16.77 3.71 33.03
N ILE B 258 17.10 3.72 31.74
CA ILE B 258 18.07 4.68 31.20
C ILE B 258 17.54 6.10 31.38
N ILE B 259 16.26 6.28 31.08
CA ILE B 259 15.62 7.58 31.24
C ILE B 259 15.60 8.01 32.72
N ALA B 260 15.19 7.10 33.60
CA ALA B 260 15.11 7.40 35.03
C ALA B 260 16.46 7.78 35.60
N GLU B 261 17.48 7.00 35.28
CA GLU B 261 18.82 7.25 35.79
C GLU B 261 19.42 8.51 35.17
N GLY B 262 18.89 8.89 34.01
CA GLY B 262 19.36 10.09 33.32
C GLY B 262 18.64 11.35 33.78
N LEU B 263 17.67 11.17 34.69
CA LEU B 263 16.88 12.30 35.21
C LEU B 263 17.76 13.21 36.04
#